data_6VL2
#
_entry.id   6VL2
#
_entity_poly.entity_id   1
_entity_poly.type   'polypeptide(L)'
_entity_poly.pdbx_seq_one_letter_code
;FFSLIPSLVGGLISAFK(NH2)
;
_entity_poly.pdbx_strand_id   A
#
loop_
_chem_comp.id
_chem_comp.type
_chem_comp.name
_chem_comp.formula
NH2 non-polymer 'AMINO GROUP' 'H2 N'
#
# COMPACT_ATOMS: atom_id res chain seq x y z
N PHE A 1 -1.78 -3.56 -12.42
CA PHE A 1 -2.34 -2.43 -13.25
C PHE A 1 -3.50 -1.79 -12.48
N PHE A 2 -3.54 -2.03 -11.18
CA PHE A 2 -4.60 -1.46 -10.34
C PHE A 2 -4.41 0.05 -10.20
N SER A 3 -5.28 0.68 -9.41
CA SER A 3 -5.20 2.11 -9.19
C SER A 3 -5.79 2.48 -7.84
N LEU A 4 -5.52 3.71 -7.40
CA LEU A 4 -6.03 4.17 -6.10
C LEU A 4 -5.90 3.08 -5.05
N ILE A 5 -4.69 2.56 -4.88
CA ILE A 5 -4.43 1.51 -3.93
C ILE A 5 -4.92 1.88 -2.55
N PRO A 6 -5.45 0.89 -1.87
CA PRO A 6 -6.00 1.04 -0.52
C PRO A 6 -4.90 0.96 0.51
N SER A 7 -5.19 1.43 1.71
CA SER A 7 -4.21 1.38 2.77
C SER A 7 -3.76 -0.07 2.92
N LEU A 8 -4.45 -0.99 2.26
CA LEU A 8 -4.12 -2.41 2.35
C LEU A 8 -2.73 -2.68 1.78
N VAL A 9 -2.55 -2.33 0.51
CA VAL A 9 -1.27 -2.55 -0.14
C VAL A 9 -0.23 -1.54 0.36
N GLY A 10 -0.71 -0.35 0.69
CA GLY A 10 0.17 0.71 1.19
C GLY A 10 0.63 0.41 2.61
N GLY A 11 -0.20 -0.32 3.35
CA GLY A 11 0.12 -0.66 4.73
C GLY A 11 1.47 -1.37 4.84
N LEU A 12 1.66 -2.42 4.04
CA LEU A 12 2.91 -3.16 4.09
C LEU A 12 4.10 -2.25 3.82
N ILE A 13 3.86 -1.17 3.08
CA ILE A 13 4.92 -0.22 2.76
C ILE A 13 5.33 0.57 4.01
N SER A 14 4.34 1.09 4.72
CA SER A 14 4.60 1.85 5.94
C SER A 14 5.49 1.05 6.89
N ALA A 15 5.26 -0.26 6.92
CA ALA A 15 6.03 -1.14 7.79
C ALA A 15 7.50 -1.11 7.40
N PHE A 16 7.76 -1.03 6.10
CA PHE A 16 9.13 -0.99 5.60
C PHE A 16 9.82 0.30 6.02
N LYS A 17 9.06 1.39 5.99
CA LYS A 17 9.61 2.70 6.37
C LYS A 17 11.08 2.82 5.98
N NH2 A 18 11.88 3.55 6.71
HN1 NH2 A 18 11.54 4.02 7.51
HN2 NH2 A 18 12.83 3.63 6.47
N PHE A 1 -10.59 -0.69 -15.08
CA PHE A 1 -10.94 -0.74 -13.63
C PHE A 1 -9.67 -0.87 -12.81
N PHE A 2 -8.57 -0.36 -13.34
CA PHE A 2 -7.29 -0.42 -12.65
C PHE A 2 -7.11 0.79 -11.74
N SER A 3 -6.31 0.64 -10.70
CA SER A 3 -6.06 1.73 -9.76
C SER A 3 -4.73 1.54 -9.03
N LEU A 4 -4.29 2.59 -8.35
CA LEU A 4 -3.03 2.52 -7.62
C LEU A 4 -3.12 1.54 -6.46
N ILE A 5 -1.96 1.10 -5.97
CA ILE A 5 -1.90 0.16 -4.87
C ILE A 5 -2.70 0.64 -3.68
N PRO A 6 -3.30 -0.30 -3.01
CA PRO A 6 -4.14 -0.05 -1.83
C PRO A 6 -3.28 0.12 -0.59
N SER A 7 -3.85 0.71 0.43
CA SER A 7 -3.14 0.89 1.68
C SER A 7 -2.62 -0.47 2.13
N LEU A 8 -3.09 -1.53 1.47
CA LEU A 8 -2.68 -2.88 1.85
C LEU A 8 -1.20 -3.10 1.58
N VAL A 9 -0.80 -2.93 0.32
CA VAL A 9 0.60 -3.12 -0.04
C VAL A 9 1.44 -1.94 0.46
N GLY A 10 0.84 -0.76 0.50
CA GLY A 10 1.54 0.42 0.96
C GLY A 10 1.66 0.43 2.47
N GLY A 11 0.70 -0.18 3.15
CA GLY A 11 0.71 -0.24 4.61
C GLY A 11 2.00 -0.87 5.13
N LEU A 12 2.37 -2.00 4.56
CA LEU A 12 3.59 -2.69 4.99
C LEU A 12 4.79 -1.75 4.95
N ILE A 13 4.72 -0.74 4.08
CA ILE A 13 5.81 0.21 3.96
C ILE A 13 5.84 1.14 5.17
N SER A 14 4.69 1.72 5.49
CA SER A 14 4.59 2.62 6.64
C SER A 14 4.89 1.88 7.93
N ALA A 15 4.37 0.67 8.06
CA ALA A 15 4.59 -0.14 9.25
C ALA A 15 6.08 -0.34 9.49
N PHE A 16 6.80 -0.77 8.46
CA PHE A 16 8.23 -0.99 8.57
C PHE A 16 8.95 0.31 8.88
N LYS A 17 8.36 1.42 8.43
CA LYS A 17 8.94 2.74 8.67
C LYS A 17 10.37 2.80 8.14
N NH2 A 18 10.88 3.94 7.79
HN1 NH2 A 18 10.34 4.76 7.86
HN2 NH2 A 18 11.81 3.99 7.45
N PHE A 1 -7.52 4.72 -5.23
CA PHE A 1 -6.46 4.67 -6.27
C PHE A 1 -7.05 4.10 -7.56
N PHE A 2 -6.18 3.75 -8.50
CA PHE A 2 -6.62 3.19 -9.78
C PHE A 2 -5.80 1.96 -10.13
N SER A 3 -6.42 0.78 -9.99
CA SER A 3 -5.73 -0.47 -10.29
C SER A 3 -4.42 -0.56 -9.52
N LEU A 4 -3.52 -1.42 -9.99
CA LEU A 4 -2.24 -1.62 -9.34
C LEU A 4 -2.43 -2.13 -7.92
N ILE A 5 -1.33 -2.23 -7.18
CA ILE A 5 -1.37 -2.72 -5.82
C ILE A 5 -2.37 -1.95 -4.98
N PRO A 6 -3.03 -2.67 -4.13
CA PRO A 6 -4.06 -2.13 -3.23
C PRO A 6 -3.43 -1.52 -1.99
N SER A 7 -4.18 -0.69 -1.32
CA SER A 7 -3.68 -0.08 -0.10
C SER A 7 -3.22 -1.19 0.83
N LEU A 8 -3.56 -2.44 0.48
CA LEU A 8 -3.19 -3.57 1.32
C LEU A 8 -1.67 -3.75 1.37
N VAL A 9 -1.07 -3.94 0.20
CA VAL A 9 0.37 -4.12 0.12
C VAL A 9 1.10 -2.80 0.38
N GLY A 10 0.48 -1.71 -0.03
CA GLY A 10 1.07 -0.39 0.16
C GLY A 10 1.02 0.02 1.62
N GLY A 11 0.01 -0.48 2.35
CA GLY A 11 -0.14 -0.16 3.76
C GLY A 11 1.12 -0.49 4.55
N LEU A 12 1.72 -1.64 4.25
CA LEU A 12 2.93 -2.06 4.95
C LEU A 12 4.00 -0.96 4.88
N ILE A 13 3.94 -0.15 3.84
CA ILE A 13 4.90 0.94 3.69
C ILE A 13 4.85 1.89 4.89
N SER A 14 3.63 2.17 5.34
CA SER A 14 3.46 3.06 6.48
C SER A 14 4.23 2.57 7.69
N ALA A 15 4.01 1.31 8.06
CA ALA A 15 4.71 0.72 9.20
C ALA A 15 6.21 0.76 8.98
N PHE A 16 6.65 0.35 7.80
CA PHE A 16 8.07 0.35 7.49
C PHE A 16 8.64 1.76 7.51
N LYS A 17 7.84 2.71 7.03
CA LYS A 17 8.26 4.11 7.00
C LYS A 17 8.57 4.61 8.41
N NH2 A 18 9.40 5.60 8.57
HN1 NH2 A 18 9.81 6.02 7.79
HN2 NH2 A 18 9.61 5.93 9.48
N PHE A 1 -10.33 -3.52 -13.88
CA PHE A 1 -10.02 -2.08 -14.13
C PHE A 1 -9.48 -1.45 -12.86
N PHE A 2 -8.95 -2.27 -11.96
CA PHE A 2 -8.40 -1.78 -10.71
C PHE A 2 -7.59 -0.51 -10.94
N SER A 3 -7.90 0.53 -10.17
CA SER A 3 -7.18 1.80 -10.29
C SER A 3 -5.82 1.71 -9.62
N LEU A 4 -5.17 2.86 -9.46
CA LEU A 4 -3.86 2.90 -8.83
C LEU A 4 -3.85 2.03 -7.57
N ILE A 5 -2.67 1.50 -7.23
CA ILE A 5 -2.53 0.65 -6.08
C ILE A 5 -3.05 1.30 -4.83
N PRO A 6 -3.63 0.50 -3.98
CA PRO A 6 -4.21 0.94 -2.70
C PRO A 6 -3.16 1.12 -1.64
N SER A 7 -3.50 1.84 -0.59
CA SER A 7 -2.58 2.07 0.49
C SER A 7 -2.05 0.73 0.98
N LEU A 8 -2.66 -0.35 0.51
CA LEU A 8 -2.24 -1.69 0.95
C LEU A 8 -0.74 -1.88 0.77
N VAL A 9 -0.21 -1.37 -0.34
CA VAL A 9 1.21 -1.49 -0.60
C VAL A 9 2.02 -0.57 0.30
N GLY A 10 1.47 0.61 0.57
CA GLY A 10 2.15 1.59 1.42
C GLY A 10 2.08 1.18 2.89
N GLY A 11 1.03 0.45 3.25
CA GLY A 11 0.84 0.01 4.62
C GLY A 11 2.05 -0.77 5.14
N LEU A 12 2.51 -1.74 4.34
CA LEU A 12 3.66 -2.55 4.74
C LEU A 12 4.85 -1.67 5.10
N ILE A 13 4.92 -0.49 4.52
CA ILE A 13 6.02 0.44 4.80
C ILE A 13 5.96 0.91 6.25
N SER A 14 4.75 1.18 6.73
CA SER A 14 4.58 1.65 8.11
C SER A 14 5.06 0.58 9.09
N ALA A 15 4.67 -0.67 8.85
CA ALA A 15 5.07 -1.77 9.72
C ALA A 15 6.57 -1.92 9.73
N PHE A 16 7.20 -1.78 8.57
CA PHE A 16 8.65 -1.90 8.46
C PHE A 16 9.34 -0.80 9.27
N LYS A 17 8.69 0.35 9.35
CA LYS A 17 9.25 1.47 10.10
C LYS A 17 8.24 2.60 10.21
N NH2 A 18 8.22 3.35 11.27
HN1 NH2 A 18 8.86 3.18 12.01
HN2 NH2 A 18 7.57 4.08 11.35
N PHE A 1 -8.51 3.40 -5.01
CA PHE A 1 -8.57 3.79 -6.44
C PHE A 1 -9.04 2.60 -7.27
N PHE A 2 -8.44 2.43 -8.44
CA PHE A 2 -8.79 1.33 -9.32
C PHE A 2 -7.68 1.07 -10.34
N SER A 3 -6.45 1.09 -9.87
CA SER A 3 -5.31 0.85 -10.75
C SER A 3 -4.04 0.60 -9.94
N LEU A 4 -3.05 -0.01 -10.57
CA LEU A 4 -1.79 -0.31 -9.89
C LEU A 4 -2.05 -1.01 -8.57
N ILE A 5 -0.97 -1.42 -7.91
CA ILE A 5 -1.08 -2.11 -6.64
C ILE A 5 -1.91 -1.33 -5.65
N PRO A 6 -2.63 -2.05 -4.84
CA PRO A 6 -3.52 -1.49 -3.82
C PRO A 6 -2.75 -1.08 -2.58
N SER A 7 -3.36 -0.25 -1.77
CA SER A 7 -2.73 0.20 -0.56
C SER A 7 -2.30 -1.02 0.26
N LEU A 8 -2.76 -2.20 -0.16
CA LEU A 8 -2.42 -3.43 0.56
C LEU A 8 -0.91 -3.53 0.76
N VAL A 9 -0.16 -3.26 -0.30
CA VAL A 9 1.30 -3.33 -0.22
C VAL A 9 1.85 -2.16 0.58
N GLY A 10 1.44 -0.96 0.21
CA GLY A 10 1.90 0.25 0.89
C GLY A 10 1.61 0.18 2.39
N GLY A 11 0.57 -0.56 2.75
CA GLY A 11 0.18 -0.69 4.15
C GLY A 11 1.34 -1.18 5.01
N LEU A 12 2.01 -2.24 4.56
CA LEU A 12 3.13 -2.78 5.33
C LEU A 12 4.33 -1.83 5.29
N ILE A 13 4.41 -1.03 4.23
CA ILE A 13 5.52 -0.07 4.10
C ILE A 13 5.33 1.08 5.06
N SER A 14 4.15 1.72 4.99
CA SER A 14 3.86 2.85 5.87
C SER A 14 4.02 2.45 7.33
N ALA A 15 3.41 1.33 7.70
CA ALA A 15 3.48 0.85 9.08
C ALA A 15 4.95 0.73 9.52
N PHE A 16 5.80 0.28 8.60
CA PHE A 16 7.21 0.12 8.91
C PHE A 16 7.85 1.47 9.21
N LYS A 17 7.43 2.50 8.48
CA LYS A 17 7.97 3.83 8.68
C LYS A 17 7.23 4.84 7.79
N NH2 A 18 6.90 6.00 8.28
HN1 NH2 A 18 7.12 6.22 9.22
HN2 NH2 A 18 6.42 6.65 7.72
N PHE A 1 1.31 4.50 -9.50
CA PHE A 1 0.37 4.66 -8.34
C PHE A 1 -0.42 3.38 -8.14
N PHE A 2 0.06 2.51 -7.27
CA PHE A 2 -0.61 1.24 -7.00
C PHE A 2 -2.11 1.46 -6.80
N SER A 3 -2.87 1.31 -7.89
CA SER A 3 -4.32 1.50 -7.82
C SER A 3 -5.01 0.17 -7.56
N LEU A 4 -6.33 0.23 -7.36
CA LEU A 4 -7.12 -0.97 -7.10
C LEU A 4 -6.80 -1.55 -5.72
N ILE A 5 -5.52 -1.84 -5.47
CA ILE A 5 -5.13 -2.40 -4.19
C ILE A 5 -5.61 -1.55 -3.04
N PRO A 6 -6.01 -2.23 -2.01
CA PRO A 6 -6.54 -1.61 -0.77
C PRO A 6 -5.41 -1.16 0.13
N SER A 7 -5.73 -0.28 1.05
CA SER A 7 -4.74 0.19 1.99
C SER A 7 -4.11 -1.00 2.68
N LEU A 8 -4.72 -2.18 2.48
CA LEU A 8 -4.21 -3.39 3.12
C LEU A 8 -2.83 -3.76 2.58
N VAL A 9 -2.75 -3.97 1.27
CA VAL A 9 -1.48 -4.32 0.65
C VAL A 9 -0.56 -3.10 0.59
N GLY A 10 -1.17 -1.93 0.45
CA GLY A 10 -0.42 -0.68 0.38
C GLY A 10 0.14 -0.31 1.75
N GLY A 11 -0.55 -0.72 2.81
CA GLY A 11 -0.12 -0.40 4.16
C GLY A 11 1.31 -0.86 4.43
N LEU A 12 1.69 -2.01 3.87
CA LEU A 12 3.04 -2.53 4.07
C LEU A 12 4.08 -1.61 3.43
N ILE A 13 3.67 -0.89 2.39
CA ILE A 13 4.58 0.02 1.70
C ILE A 13 4.83 1.26 2.56
N SER A 14 3.76 1.90 2.98
CA SER A 14 3.88 3.10 3.81
C SER A 14 4.72 2.81 5.05
N ALA A 15 4.46 1.66 5.68
CA ALA A 15 5.20 1.27 6.87
C ALA A 15 6.69 1.18 6.57
N PHE A 16 7.02 0.47 5.49
CA PHE A 16 8.41 0.31 5.11
C PHE A 16 9.02 1.65 4.73
N LYS A 17 8.23 2.48 4.05
CA LYS A 17 8.70 3.79 3.62
C LYS A 17 9.10 4.64 4.83
N NH2 A 18 9.99 5.58 4.68
HN1 NH2 A 18 10.39 5.74 3.81
HN2 NH2 A 18 10.26 6.12 5.46
N PHE A 1 -8.37 4.78 -4.93
CA PHE A 1 -7.34 4.71 -6.01
C PHE A 1 -7.50 3.39 -6.77
N PHE A 2 -7.18 3.41 -8.06
CA PHE A 2 -7.28 2.22 -8.89
C PHE A 2 -5.91 1.85 -9.47
N SER A 3 -4.88 1.96 -8.65
CA SER A 3 -3.53 1.63 -9.08
C SER A 3 -3.29 0.12 -9.00
N LEU A 4 -2.09 -0.30 -9.39
CA LEU A 4 -1.76 -1.73 -9.35
C LEU A 4 -2.03 -2.30 -7.97
N ILE A 5 -0.98 -2.43 -7.18
CA ILE A 5 -1.08 -2.98 -5.84
C ILE A 5 -2.12 -2.24 -5.02
N PRO A 6 -2.79 -2.98 -4.20
CA PRO A 6 -3.85 -2.47 -3.31
C PRO A 6 -3.27 -1.84 -2.07
N SER A 7 -4.06 -1.03 -1.41
CA SER A 7 -3.61 -0.40 -0.19
C SER A 7 -3.13 -1.49 0.77
N LEU A 8 -3.43 -2.74 0.42
CA LEU A 8 -3.04 -3.86 1.27
C LEU A 8 -1.52 -4.00 1.34
N VAL A 9 -0.90 -4.19 0.18
CA VAL A 9 0.55 -4.34 0.13
C VAL A 9 1.22 -2.99 0.37
N GLY A 10 0.58 -1.92 -0.09
CA GLY A 10 1.11 -0.58 0.08
C GLY A 10 1.06 -0.13 1.53
N GLY A 11 0.10 -0.65 2.27
CA GLY A 11 -0.06 -0.28 3.68
C GLY A 11 1.22 -0.53 4.46
N LEU A 12 1.90 -1.62 4.15
CA LEU A 12 3.14 -1.96 4.85
C LEU A 12 4.19 -0.88 4.64
N ILE A 13 4.12 -0.20 3.49
CA ILE A 13 5.08 0.86 3.18
C ILE A 13 5.00 1.97 4.23
N SER A 14 3.80 2.45 4.49
CA SER A 14 3.60 3.51 5.47
C SER A 14 3.90 3.01 6.88
N ALA A 15 3.36 1.85 7.21
CA ALA A 15 3.58 1.26 8.53
C ALA A 15 5.06 1.05 8.79
N PHE A 16 5.75 0.44 7.82
CA PHE A 16 7.17 0.18 7.95
C PHE A 16 7.95 1.49 8.08
N LYS A 17 7.41 2.55 7.49
CA LYS A 17 8.07 3.86 7.54
C LYS A 17 7.17 4.93 6.94
N NH2 A 18 6.78 4.82 5.71
HN1 NH2 A 18 7.06 4.05 5.16
HN2 NH2 A 18 6.19 5.51 5.31
N PHE A 1 -8.25 4.08 -15.59
CA PHE A 1 -6.98 3.79 -14.87
C PHE A 1 -6.77 2.28 -14.82
N PHE A 2 -6.26 1.78 -13.70
CA PHE A 2 -6.02 0.35 -13.55
C PHE A 2 -5.92 -0.02 -12.07
N SER A 3 -7.05 0.02 -11.38
CA SER A 3 -7.08 -0.31 -9.95
C SER A 3 -5.90 0.31 -9.23
N LEU A 4 -5.68 -0.11 -7.98
CA LEU A 4 -4.58 0.41 -7.19
C LEU A 4 -4.46 -0.34 -5.87
N ILE A 5 -3.23 -0.56 -5.42
CA ILE A 5 -2.98 -1.27 -4.19
C ILE A 5 -3.75 -0.67 -3.03
N PRO A 6 -4.22 -1.53 -2.19
CA PRO A 6 -5.01 -1.18 -1.00
C PRO A 6 -4.10 -0.75 0.15
N SER A 7 -4.67 -0.06 1.09
CA SER A 7 -3.91 0.37 2.25
C SER A 7 -3.26 -0.86 2.87
N LEU A 8 -3.67 -2.05 2.42
CA LEU A 8 -3.13 -3.29 2.96
C LEU A 8 -1.64 -3.43 2.65
N VAL A 9 -1.31 -3.41 1.36
CA VAL A 9 0.09 -3.55 0.95
C VAL A 9 0.86 -2.27 1.25
N GLY A 10 0.17 -1.13 1.16
CA GLY A 10 0.81 0.15 1.42
C GLY A 10 1.12 0.32 2.90
N GLY A 11 0.31 -0.32 3.74
CA GLY A 11 0.49 -0.23 5.18
C GLY A 11 1.86 -0.76 5.61
N LEU A 12 2.27 -1.89 5.04
CA LEU A 12 3.55 -2.48 5.38
C LEU A 12 4.70 -1.54 5.02
N ILE A 13 4.50 -0.72 4.00
CA ILE A 13 5.54 0.22 3.58
C ILE A 13 5.74 1.30 4.64
N SER A 14 4.64 1.86 5.14
CA SER A 14 4.71 2.90 6.16
C SER A 14 5.44 2.39 7.39
N ALA A 15 5.17 1.13 7.75
CA ALA A 15 5.81 0.53 8.91
C ALA A 15 7.32 0.43 8.69
N PHE A 16 7.71 -0.04 7.51
CA PHE A 16 9.13 -0.18 7.19
C PHE A 16 9.82 1.18 7.20
N LYS A 17 9.07 2.21 6.86
CA LYS A 17 9.62 3.57 6.84
C LYS A 17 10.44 3.83 8.09
N NH2 A 18 10.16 3.19 9.19
HN1 NH2 A 18 9.43 2.53 9.21
HN2 NH2 A 18 10.69 3.36 10.01
N PHE A 1 -4.47 -2.63 -14.36
CA PHE A 1 -4.55 -1.14 -14.31
C PHE A 1 -5.19 -0.71 -13.00
N PHE A 2 -5.19 -1.62 -12.02
CA PHE A 2 -5.78 -1.32 -10.72
C PHE A 2 -4.93 -0.27 -9.99
N SER A 3 -5.30 0.99 -10.15
CA SER A 3 -4.57 2.09 -9.51
C SER A 3 -5.19 2.39 -8.15
N LEU A 4 -4.66 3.43 -7.50
CA LEU A 4 -5.17 3.83 -6.19
C LEU A 4 -5.05 2.67 -5.20
N ILE A 5 -3.82 2.28 -4.91
CA ILE A 5 -3.57 1.19 -3.98
C ILE A 5 -4.26 1.40 -2.66
N PRO A 6 -4.74 0.33 -2.11
CA PRO A 6 -5.47 0.32 -0.83
C PRO A 6 -4.51 0.33 0.34
N SER A 7 -5.01 0.72 1.50
CA SER A 7 -4.20 0.74 2.68
C SER A 7 -3.58 -0.64 2.87
N LEU A 8 -4.07 -1.60 2.09
CA LEU A 8 -3.57 -2.97 2.20
C LEU A 8 -2.10 -3.05 1.80
N VAL A 9 -1.81 -2.65 0.57
CA VAL A 9 -0.43 -2.68 0.08
C VAL A 9 0.39 -1.57 0.72
N GLY A 10 -0.26 -0.44 1.00
CA GLY A 10 0.42 0.69 1.60
C GLY A 10 0.64 0.47 3.09
N GLY A 11 -0.24 -0.30 3.72
CA GLY A 11 -0.13 -0.58 5.15
C GLY A 11 1.23 -1.17 5.50
N LEU A 12 1.62 -2.22 4.79
CA LEU A 12 2.90 -2.87 5.04
C LEU A 12 4.07 -1.97 4.63
N ILE A 13 3.81 -1.08 3.68
CA ILE A 13 4.85 -0.17 3.21
C ILE A 13 5.21 0.83 4.31
N SER A 14 4.21 1.23 5.10
CA SER A 14 4.44 2.19 6.17
C SER A 14 5.52 1.68 7.11
N ALA A 15 5.36 0.46 7.61
CA ALA A 15 6.33 -0.13 8.52
C ALA A 15 7.66 -0.38 7.81
N PHE A 16 7.57 -0.92 6.60
CA PHE A 16 8.77 -1.22 5.82
C PHE A 16 9.52 0.06 5.49
N LYS A 17 8.78 1.13 5.22
CA LYS A 17 9.39 2.42 4.88
C LYS A 17 10.24 2.91 6.04
N NH2 A 18 9.72 3.04 7.23
HN1 NH2 A 18 8.77 2.80 7.37
HN2 NH2 A 18 10.27 3.35 7.98
N PHE A 1 -9.48 -1.44 -14.04
CA PHE A 1 -8.04 -1.06 -14.08
C PHE A 1 -7.54 -0.84 -12.66
N PHE A 2 -6.79 -1.81 -12.15
CA PHE A 2 -6.25 -1.71 -10.80
C PHE A 2 -5.68 -0.31 -10.55
N SER A 3 -6.46 0.53 -9.89
CA SER A 3 -6.03 1.89 -9.59
C SER A 3 -4.83 1.88 -8.64
N LEU A 4 -4.52 3.04 -8.08
CA LEU A 4 -3.41 3.16 -7.15
C LEU A 4 -3.52 2.11 -6.05
N ILE A 5 -2.38 1.68 -5.52
CA ILE A 5 -2.34 0.68 -4.48
C ILE A 5 -3.21 1.06 -3.31
N PRO A 6 -3.80 0.07 -2.71
CA PRO A 6 -4.69 0.22 -1.55
C PRO A 6 -3.89 0.37 -0.28
N SER A 7 -4.53 0.86 0.76
CA SER A 7 -3.85 1.00 2.03
C SER A 7 -3.23 -0.34 2.40
N LEU A 8 -3.62 -1.39 1.67
CA LEU A 8 -3.11 -2.73 1.96
C LEU A 8 -1.63 -2.87 1.54
N VAL A 9 -1.35 -2.66 0.27
CA VAL A 9 0.02 -2.78 -0.23
C VAL A 9 0.85 -1.59 0.22
N GLY A 10 0.23 -0.42 0.27
CA GLY A 10 0.92 0.80 0.69
C GLY A 10 1.20 0.77 2.18
N GLY A 11 0.35 0.08 2.93
CA GLY A 11 0.50 0.00 4.38
C GLY A 11 1.82 -0.67 4.77
N LEU A 12 2.20 -1.71 4.02
CA LEU A 12 3.44 -2.42 4.32
C LEU A 12 4.64 -1.48 4.28
N ILE A 13 4.54 -0.41 3.49
CA ILE A 13 5.62 0.55 3.39
C ILE A 13 5.80 1.31 4.70
N SER A 14 4.68 1.70 5.30
CA SER A 14 4.71 2.43 6.57
C SER A 14 5.13 1.50 7.71
N ALA A 15 4.65 0.26 7.66
CA ALA A 15 4.97 -0.71 8.70
C ALA A 15 6.48 -0.94 8.76
N PHE A 16 7.08 -1.19 7.61
CA PHE A 16 8.52 -1.43 7.54
C PHE A 16 9.29 -0.18 7.95
N LYS A 17 8.71 0.98 7.63
CA LYS A 17 9.35 2.25 7.96
C LYS A 17 9.57 2.37 9.46
N NH2 A 18 8.64 1.95 10.28
HN1 NH2 A 18 7.81 1.56 9.93
HN2 NH2 A 18 8.78 2.02 11.26
#